data_2FEP
#
_entry.id   2FEP
#
_cell.length_a   67.620
_cell.length_b   67.620
_cell.length_c   167.218
_cell.angle_alpha   90.00
_cell.angle_beta   90.00
_cell.angle_gamma   90.00
#
_symmetry.space_group_name_H-M   'P 41 21 2'
#
loop_
_entity.id
_entity.type
_entity.pdbx_description
1 polymer 'Catabolite control protein A'
2 polymer 'Phosphocarrier protein HPr'
3 non-polymer 'SULFATE ION'
4 water water
#
loop_
_entity_poly.entity_id
_entity_poly.type
_entity_poly.pdbx_seq_one_letter_code
_entity_poly.pdbx_strand_id
1 'polypeptide(L)'
;MRGSHHHHHHGSSKKTTTVGVIIPDISSIFYSELARGIEDIATMYKYNIILSNSDQNMEKELHLLNTMLGKQVDGIVFMG
GNITDEHVAEFKRSPVPIVLAASVEEQEETPSVAIDYEQAIYDAVKLLVDKGHTDIAFVSGPMAEPINRSKKLQGYKRAL
EEANLPFNEQFVAEGDYTYDSGLEALQHLMSLDKKPTAILSATDEMALGIIHAAQDQGLSIPEDLDIIGFDNTRLSLMVR
PQLSTVVQPTYDIGAVAMRLLTKLMNKEPVEEHIVELPHRIELRKSTKS
;
A
2 'polypeptide(L)'
;MAQKTFKVTADSGIHARPATVLVQTASKYDADVNLEYNGKTVNLK(SEP)IMGVMSLGIAKGAEITISASGADENDALNA
LEETMKSEGLGE
;
S
#
loop_
_chem_comp.id
_chem_comp.type
_chem_comp.name
_chem_comp.formula
SO4 non-polymer 'SULFATE ION' 'O4 S -2'
#
# COMPACT_ATOMS: atom_id res chain seq x y z
N THR A 16 -23.09 11.47 -15.54
CA THR A 16 -22.14 11.23 -16.66
C THR A 16 -20.72 11.02 -16.15
N THR A 17 -20.08 9.96 -16.63
CA THR A 17 -18.71 9.61 -16.25
C THR A 17 -18.22 10.15 -14.91
N THR A 18 -18.75 9.60 -13.83
CA THR A 18 -18.35 9.99 -12.50
C THR A 18 -18.33 8.75 -11.62
N VAL A 19 -17.35 8.67 -10.73
CA VAL A 19 -17.29 7.53 -9.82
C VAL A 19 -17.20 8.10 -8.41
N GLY A 20 -17.84 7.43 -7.45
CA GLY A 20 -17.82 7.88 -6.08
C GLY A 20 -16.69 7.21 -5.32
N VAL A 21 -16.14 7.93 -4.35
CA VAL A 21 -15.06 7.39 -3.55
C VAL A 21 -15.37 7.55 -2.08
N ILE A 22 -15.58 6.42 -1.40
CA ILE A 22 -15.88 6.42 0.02
C ILE A 22 -14.58 6.13 0.76
N ILE A 23 -14.19 7.03 1.64
CA ILE A 23 -12.94 6.91 2.38
C ILE A 23 -13.14 7.28 3.85
N PRO A 24 -12.46 6.59 4.78
CA PRO A 24 -12.67 6.97 6.18
C PRO A 24 -12.26 8.41 6.52
N ASP A 25 -11.08 8.83 6.13
CA ASP A 25 -10.65 10.20 6.45
C ASP A 25 -9.60 10.72 5.47
N ILE A 26 -10.02 11.67 4.63
CA ILE A 26 -9.14 12.26 3.62
C ILE A 26 -7.94 13.00 4.19
N SER A 27 -8.02 13.45 5.44
CA SER A 27 -6.91 14.18 6.02
C SER A 27 -5.81 13.22 6.49
N SER A 28 -6.08 11.91 6.40
CA SER A 28 -5.12 10.91 6.80
C SER A 28 -3.93 10.92 5.84
N ILE A 29 -2.73 10.77 6.38
CA ILE A 29 -1.52 10.74 5.57
C ILE A 29 -1.58 9.57 4.57
N PHE A 30 -2.13 8.46 5.03
CA PHE A 30 -2.27 7.26 4.23
C PHE A 30 -3.37 7.38 3.18
N TYR A 31 -4.57 7.73 3.63
CA TYR A 31 -5.70 7.87 2.73
C TYR A 31 -5.60 9.04 1.75
N SER A 32 -4.87 10.09 2.09
CA SER A 32 -4.76 11.20 1.15
C SER A 32 -3.85 10.77 -0.01
N GLU A 33 -2.92 9.86 0.26
CA GLU A 33 -2.03 9.36 -0.77
C GLU A 33 -2.81 8.40 -1.68
N LEU A 34 -3.60 7.50 -1.08
CA LEU A 34 -4.40 6.56 -1.86
C LEU A 34 -5.33 7.37 -2.75
N ALA A 35 -5.93 8.39 -2.16
CA ALA A 35 -6.85 9.25 -2.89
C ALA A 35 -6.19 9.92 -4.09
N ARG A 36 -4.96 10.40 -3.94
CA ARG A 36 -4.29 11.05 -5.06
C ARG A 36 -4.09 10.08 -6.22
N GLY A 37 -3.74 8.83 -5.88
CA GLY A 37 -3.53 7.81 -6.89
C GLY A 37 -4.82 7.54 -7.64
N ILE A 38 -5.92 7.51 -6.91
CA ILE A 38 -7.23 7.27 -7.49
C ILE A 38 -7.59 8.42 -8.45
N GLU A 39 -7.45 9.64 -7.96
CA GLU A 39 -7.78 10.79 -8.79
C GLU A 39 -6.99 10.89 -10.08
N ASP A 40 -5.67 10.66 -10.02
CA ASP A 40 -4.83 10.74 -11.22
C ASP A 40 -5.32 9.80 -12.32
N ILE A 41 -5.53 8.53 -11.99
CA ILE A 41 -6.01 7.58 -12.97
C ILE A 41 -7.44 7.95 -13.39
N ALA A 42 -8.19 8.54 -12.47
CA ALA A 42 -9.56 8.97 -12.79
C ALA A 42 -9.47 10.11 -13.80
N THR A 43 -8.55 11.04 -13.60
CA THR A 43 -8.39 12.14 -14.53
C THR A 43 -7.95 11.57 -15.88
N MET A 44 -6.92 10.72 -15.85
CA MET A 44 -6.40 10.09 -17.05
C MET A 44 -7.52 9.50 -17.92
N TYR A 45 -8.45 8.80 -17.28
CA TYR A 45 -9.56 8.16 -17.97
C TYR A 45 -10.85 9.00 -18.06
N LYS A 46 -10.71 10.30 -17.80
CA LYS A 46 -11.84 11.25 -17.89
C LYS A 46 -12.98 11.10 -16.89
N TYR A 47 -12.75 10.46 -15.76
CA TYR A 47 -13.78 10.28 -14.74
C TYR A 47 -13.72 11.34 -13.63
N ASN A 48 -14.88 11.88 -13.26
CA ASN A 48 -14.95 12.87 -12.19
C ASN A 48 -14.96 12.06 -10.89
N ILE A 49 -14.63 12.69 -9.78
CA ILE A 49 -14.60 12.01 -8.49
C ILE A 49 -15.43 12.71 -7.42
N ILE A 50 -16.42 12.00 -6.89
CA ILE A 50 -17.25 12.51 -5.81
C ILE A 50 -16.61 11.89 -4.58
N LEU A 51 -16.06 12.72 -3.70
CA LEU A 51 -15.39 12.20 -2.51
C LEU A 51 -16.24 12.36 -1.25
N SER A 52 -16.32 11.30 -0.45
CA SER A 52 -17.08 11.36 0.80
C SER A 52 -16.33 10.66 1.93
N ASN A 53 -16.34 11.28 3.12
CA ASN A 53 -15.67 10.72 4.29
C ASN A 53 -16.69 9.93 5.11
N SER A 54 -16.26 8.80 5.66
CA SER A 54 -17.16 7.96 6.45
C SER A 54 -16.79 7.85 7.93
N ASP A 55 -15.52 8.13 8.25
CA ASP A 55 -15.03 8.03 9.62
C ASP A 55 -15.12 6.60 10.15
N GLN A 56 -15.20 5.64 9.24
CA GLN A 56 -15.28 4.24 9.64
C GLN A 56 -16.60 3.89 10.33
N ASN A 57 -17.60 4.74 10.20
CA ASN A 57 -18.92 4.48 10.80
C ASN A 57 -19.73 3.61 9.81
N MET A 58 -20.05 2.39 10.22
CA MET A 58 -20.79 1.48 9.35
C MET A 58 -22.09 2.06 8.79
N GLU A 59 -22.92 2.64 9.64
CA GLU A 59 -24.17 3.22 9.15
C GLU A 59 -23.87 4.31 8.10
N LYS A 60 -22.80 5.07 8.33
CA LYS A 60 -22.41 6.12 7.41
C LYS A 60 -21.98 5.52 6.07
N GLU A 61 -21.16 4.47 6.12
CA GLU A 61 -20.65 3.80 4.92
C GLU A 61 -21.77 3.24 4.03
N LEU A 62 -22.68 2.49 4.64
CA LEU A 62 -23.79 1.91 3.90
C LEU A 62 -24.70 3.00 3.36
N HIS A 63 -24.88 4.06 4.15
CA HIS A 63 -25.71 5.17 3.70
C HIS A 63 -25.09 5.88 2.49
N LEU A 64 -23.81 6.18 2.56
CA LEU A 64 -23.11 6.85 1.46
C LEU A 64 -23.17 5.98 0.20
N LEU A 65 -23.14 4.68 0.40
CA LEU A 65 -23.21 3.73 -0.71
C LEU A 65 -24.48 3.95 -1.52
N ASN A 66 -25.60 4.07 -0.83
CA ASN A 66 -26.88 4.28 -1.49
C ASN A 66 -26.96 5.71 -2.00
N THR A 67 -26.33 6.62 -1.25
CA THR A 67 -26.33 8.03 -1.63
C THR A 67 -25.55 8.23 -2.93
N MET A 68 -24.43 7.53 -3.08
CA MET A 68 -23.61 7.63 -4.28
C MET A 68 -24.43 7.20 -5.50
N LEU A 69 -25.24 6.16 -5.33
CA LEU A 69 -26.10 5.64 -6.39
C LEU A 69 -27.13 6.68 -6.79
N GLY A 70 -27.63 7.43 -5.80
CA GLY A 70 -28.59 8.47 -6.07
C GLY A 70 -28.00 9.51 -7.01
N LYS A 71 -26.68 9.65 -7.01
CA LYS A 71 -26.02 10.62 -7.88
C LYS A 71 -25.70 9.99 -9.24
N GLN A 72 -26.20 8.77 -9.42
CA GLN A 72 -26.00 8.03 -10.67
C GLN A 72 -24.55 7.75 -11.04
N VAL A 73 -23.69 7.52 -10.03
CA VAL A 73 -22.28 7.23 -10.31
C VAL A 73 -22.13 5.96 -11.15
N ASP A 74 -21.03 5.85 -11.89
CA ASP A 74 -20.79 4.67 -12.74
C ASP A 74 -20.02 3.57 -12.02
N GLY A 75 -19.45 3.90 -10.87
CA GLY A 75 -18.68 2.94 -10.11
C GLY A 75 -18.22 3.55 -8.81
N ILE A 76 -17.69 2.73 -7.92
CA ILE A 76 -17.25 3.24 -6.64
C ILE A 76 -15.98 2.56 -6.13
N VAL A 77 -15.11 3.35 -5.51
CA VAL A 77 -13.92 2.79 -4.90
C VAL A 77 -14.19 2.92 -3.40
N PHE A 78 -14.10 1.81 -2.69
CA PHE A 78 -14.38 1.81 -1.26
C PHE A 78 -13.15 1.48 -0.43
N MET A 79 -12.99 2.24 0.65
CA MET A 79 -11.90 2.03 1.59
C MET A 79 -12.46 2.05 3.00
N GLY A 80 -12.21 0.97 3.75
CA GLY A 80 -12.72 0.88 5.11
C GLY A 80 -12.00 -0.18 5.89
N GLY A 81 -11.95 -0.03 7.21
CA GLY A 81 -11.26 -0.99 8.06
C GLY A 81 -12.13 -2.12 8.59
N ASN A 82 -13.41 -2.10 8.30
CA ASN A 82 -14.29 -3.16 8.78
C ASN A 82 -15.36 -3.54 7.77
N ILE A 83 -15.02 -4.48 6.91
CA ILE A 83 -15.93 -4.96 5.88
C ILE A 83 -16.65 -6.21 6.38
N THR A 84 -17.92 -6.05 6.69
CA THR A 84 -18.75 -7.13 7.21
C THR A 84 -19.48 -7.84 6.07
N ASP A 85 -20.13 -8.96 6.39
CA ASP A 85 -20.88 -9.70 5.38
C ASP A 85 -21.96 -8.78 4.80
N GLU A 86 -22.39 -7.82 5.59
CA GLU A 86 -23.40 -6.87 5.16
C GLU A 86 -22.83 -5.95 4.09
N HIS A 87 -21.60 -5.48 4.30
CA HIS A 87 -20.97 -4.62 3.31
C HIS A 87 -20.88 -5.45 2.02
N VAL A 88 -20.32 -6.66 2.16
CA VAL A 88 -20.15 -7.57 1.03
C VAL A 88 -21.42 -7.69 0.18
N ALA A 89 -22.54 -7.99 0.82
CA ALA A 89 -23.80 -8.13 0.10
C ALA A 89 -24.21 -6.82 -0.57
N GLU A 90 -24.01 -5.71 0.13
CA GLU A 90 -24.35 -4.41 -0.42
C GLU A 90 -23.48 -4.11 -1.65
N PHE A 91 -22.21 -4.49 -1.59
CA PHE A 91 -21.29 -4.27 -2.71
C PHE A 91 -21.74 -5.07 -3.93
N LYS A 92 -22.13 -6.33 -3.69
CA LYS A 92 -22.57 -7.21 -4.78
C LYS A 92 -23.89 -6.76 -5.41
N ARG A 93 -24.84 -6.32 -4.60
CA ARG A 93 -26.13 -5.90 -5.11
C ARG A 93 -26.12 -4.52 -5.74
N SER A 94 -25.07 -3.75 -5.50
CA SER A 94 -24.96 -2.42 -6.08
C SER A 94 -24.99 -2.59 -7.60
N PRO A 95 -25.81 -1.80 -8.30
CA PRO A 95 -25.92 -1.87 -9.77
C PRO A 95 -24.67 -1.41 -10.54
N VAL A 96 -23.70 -0.84 -9.84
CA VAL A 96 -22.47 -0.38 -10.47
C VAL A 96 -21.28 -1.14 -9.90
N PRO A 97 -20.16 -1.19 -10.63
CA PRO A 97 -18.99 -1.91 -10.16
C PRO A 97 -18.38 -1.25 -8.94
N ILE A 98 -17.83 -2.07 -8.04
CA ILE A 98 -17.19 -1.56 -6.83
C ILE A 98 -15.84 -2.26 -6.66
N VAL A 99 -14.82 -1.48 -6.29
CA VAL A 99 -13.48 -1.97 -6.07
C VAL A 99 -12.97 -1.49 -4.72
N LEU A 100 -12.34 -2.38 -3.98
CA LEU A 100 -11.79 -2.06 -2.66
C LEU A 100 -10.33 -1.75 -2.82
N ALA A 101 -9.86 -0.76 -2.07
CA ALA A 101 -8.45 -0.38 -2.12
C ALA A 101 -7.93 -0.37 -0.68
N ALA A 102 -6.72 -0.89 -0.49
CA ALA A 102 -6.07 -0.95 0.82
C ALA A 102 -6.99 -1.45 1.92
N SER A 103 -7.92 -2.33 1.58
CA SER A 103 -8.85 -2.86 2.56
C SER A 103 -8.84 -4.38 2.54
N VAL A 104 -9.27 -4.97 3.65
CA VAL A 104 -9.33 -6.41 3.76
C VAL A 104 -10.76 -6.91 3.81
N GLU A 105 -11.05 -7.90 2.97
CA GLU A 105 -12.36 -8.52 2.91
C GLU A 105 -12.10 -10.02 3.00
N GLU A 106 -12.21 -10.57 4.20
CA GLU A 106 -11.98 -11.99 4.41
C GLU A 106 -12.64 -12.90 3.38
N GLN A 107 -13.91 -12.66 3.06
CA GLN A 107 -14.61 -13.49 2.07
C GLN A 107 -13.99 -13.43 0.68
N GLU A 108 -13.28 -12.34 0.40
CA GLU A 108 -12.64 -12.15 -0.89
C GLU A 108 -13.53 -12.41 -2.10
N GLU A 109 -14.63 -11.67 -2.19
CA GLU A 109 -15.56 -11.81 -3.30
C GLU A 109 -15.61 -10.53 -4.11
N THR A 110 -15.42 -9.40 -3.42
CA THR A 110 -15.43 -8.10 -4.04
C THR A 110 -14.07 -7.76 -4.61
N PRO A 111 -14.01 -7.32 -5.87
CA PRO A 111 -12.70 -6.99 -6.43
C PRO A 111 -11.99 -5.98 -5.54
N SER A 112 -10.72 -6.23 -5.24
CA SER A 112 -9.96 -5.32 -4.39
C SER A 112 -8.49 -5.31 -4.76
N VAL A 113 -7.85 -4.19 -4.42
CA VAL A 113 -6.43 -4.00 -4.70
C VAL A 113 -5.76 -3.63 -3.38
N ALA A 114 -4.71 -4.35 -3.06
CA ALA A 114 -3.98 -4.13 -1.81
C ALA A 114 -2.69 -4.92 -1.93
N ILE A 115 -2.03 -5.13 -0.81
CA ILE A 115 -0.81 -5.95 -0.79
C ILE A 115 -1.17 -7.10 0.15
N ASP A 116 -0.25 -8.04 0.32
CA ASP A 116 -0.50 -9.15 1.22
C ASP A 116 0.01 -8.73 2.60
N TYR A 117 -0.86 -8.17 3.42
CA TYR A 117 -0.48 -7.71 4.75
C TYR A 117 0.06 -8.82 5.64
N GLU A 118 -0.53 -10.01 5.52
CA GLU A 118 -0.11 -11.19 6.29
C GLU A 118 1.36 -11.50 5.99
N GLN A 119 1.69 -11.65 4.71
CA GLN A 119 3.06 -11.95 4.29
C GLN A 119 4.04 -10.87 4.74
N ALA A 120 3.70 -9.61 4.47
CA ALA A 120 4.56 -8.47 4.82
C ALA A 120 4.94 -8.49 6.28
N ILE A 121 3.97 -8.66 7.16
CA ILE A 121 4.25 -8.70 8.60
C ILE A 121 5.15 -9.92 8.89
N TYR A 122 4.78 -11.05 8.31
CA TYR A 122 5.54 -12.27 8.46
C TYR A 122 7.00 -12.02 8.09
N ASP A 123 7.23 -11.45 6.91
CA ASP A 123 8.59 -11.17 6.45
C ASP A 123 9.35 -10.29 7.44
N ALA A 124 8.69 -9.25 7.93
CA ALA A 124 9.30 -8.33 8.88
C ALA A 124 9.70 -9.05 10.16
N VAL A 125 8.82 -9.91 10.67
CA VAL A 125 9.09 -10.65 11.89
C VAL A 125 10.22 -11.66 11.67
N LYS A 126 10.16 -12.39 10.55
CA LYS A 126 11.19 -13.37 10.22
C LYS A 126 12.56 -12.69 10.22
N LEU A 127 12.61 -11.52 9.58
CA LEU A 127 13.84 -10.76 9.51
C LEU A 127 14.37 -10.55 10.94
N LEU A 128 13.54 -9.98 11.80
CA LEU A 128 13.93 -9.73 13.19
C LEU A 128 14.43 -11.00 13.88
N VAL A 129 13.76 -12.12 13.62
CA VAL A 129 14.17 -13.39 14.21
C VAL A 129 15.54 -13.82 13.69
N ASP A 130 15.73 -13.74 12.37
CA ASP A 130 17.01 -14.13 11.78
C ASP A 130 18.15 -13.34 12.37
N LYS A 131 17.81 -12.24 13.06
CA LYS A 131 18.83 -11.40 13.68
C LYS A 131 19.09 -11.73 15.15
N GLY A 132 18.37 -12.70 15.70
CA GLY A 132 18.58 -13.07 17.08
C GLY A 132 17.51 -12.71 18.10
N HIS A 133 16.45 -12.02 17.65
CA HIS A 133 15.37 -11.63 18.56
C HIS A 133 14.48 -12.81 18.94
N THR A 134 14.17 -12.88 20.24
CA THR A 134 13.33 -13.95 20.77
C THR A 134 12.04 -13.36 21.33
N ASP A 135 12.18 -12.18 21.93
CA ASP A 135 11.06 -11.46 22.52
C ASP A 135 10.71 -10.30 21.56
N ILE A 136 9.87 -10.62 20.58
CA ILE A 136 9.45 -9.65 19.57
C ILE A 136 8.02 -9.16 19.81
N ALA A 137 7.82 -7.84 19.79
CA ALA A 137 6.50 -7.25 20.02
C ALA A 137 5.83 -6.68 18.77
N PHE A 138 4.51 -6.69 18.78
CA PHE A 138 3.72 -6.17 17.66
C PHE A 138 2.71 -5.13 18.13
N VAL A 139 2.84 -3.91 17.63
CA VAL A 139 1.90 -2.83 17.95
C VAL A 139 0.95 -2.74 16.77
N SER A 140 -0.26 -3.26 16.93
CA SER A 140 -1.26 -3.25 15.86
C SER A 140 -2.23 -2.07 15.93
N GLY A 141 -3.16 -2.06 14.98
CA GLY A 141 -4.18 -1.03 14.99
C GLY A 141 -5.34 -1.68 15.72
N PRO A 142 -6.51 -1.04 15.80
CA PRO A 142 -7.62 -1.68 16.51
C PRO A 142 -7.85 -3.13 16.05
N MET A 143 -7.89 -4.05 17.01
CA MET A 143 -8.09 -5.47 16.71
C MET A 143 -9.48 -5.73 16.16
N ALA A 144 -10.36 -4.73 16.25
CA ALA A 144 -11.71 -4.86 15.74
C ALA A 144 -11.70 -4.84 14.21
N GLU A 145 -10.56 -4.45 13.63
CA GLU A 145 -10.43 -4.40 12.18
C GLU A 145 -9.73 -5.67 11.70
N PRO A 146 -10.38 -6.40 10.78
CA PRO A 146 -9.83 -7.64 10.21
C PRO A 146 -8.38 -7.54 9.76
N ILE A 147 -7.99 -6.41 9.17
CA ILE A 147 -6.62 -6.23 8.70
C ILE A 147 -5.61 -6.40 9.84
N ASN A 148 -6.04 -6.11 11.05
CA ASN A 148 -5.18 -6.23 12.21
C ASN A 148 -5.27 -7.61 12.83
N ARG A 149 -6.47 -7.98 13.25
CA ARG A 149 -6.68 -9.27 13.90
C ARG A 149 -6.61 -10.49 12.98
N SER A 150 -7.09 -10.36 11.75
CA SER A 150 -7.10 -11.48 10.81
C SER A 150 -5.95 -11.56 9.81
N LYS A 151 -5.21 -10.47 9.62
CA LYS A 151 -4.11 -10.48 8.65
C LYS A 151 -2.73 -10.19 9.27
N LYS A 152 -2.52 -8.96 9.71
CA LYS A 152 -1.25 -8.58 10.31
C LYS A 152 -0.90 -9.40 11.55
N LEU A 153 -1.87 -9.68 12.40
CA LEU A 153 -1.60 -10.47 13.61
C LEU A 153 -1.29 -11.92 13.26
N GLN A 154 -1.90 -12.40 12.18
CA GLN A 154 -1.66 -13.77 11.75
C GLN A 154 -0.26 -13.95 11.19
N GLY A 155 0.23 -12.93 10.47
CA GLY A 155 1.58 -13.01 9.92
C GLY A 155 2.58 -13.00 11.05
N TYR A 156 2.25 -12.27 12.10
CA TYR A 156 3.09 -12.18 13.28
C TYR A 156 3.13 -13.55 13.95
N LYS A 157 1.95 -14.13 14.15
CA LYS A 157 1.83 -15.45 14.78
C LYS A 157 2.57 -16.52 14.00
N ARG A 158 2.38 -16.54 12.68
CA ARG A 158 3.02 -17.54 11.84
C ARG A 158 4.56 -17.47 11.89
N ALA A 159 5.10 -16.25 11.89
CA ALA A 159 6.55 -16.07 11.93
C ALA A 159 7.14 -16.64 13.21
N LEU A 160 6.53 -16.31 14.34
CA LEU A 160 7.01 -16.81 15.63
C LEU A 160 6.91 -18.32 15.68
N GLU A 161 5.73 -18.85 15.39
CA GLU A 161 5.51 -20.30 15.41
C GLU A 161 6.49 -21.05 14.53
N GLU A 162 6.82 -20.45 13.39
CA GLU A 162 7.73 -21.06 12.43
C GLU A 162 9.16 -21.04 12.96
N ALA A 163 9.46 -20.06 13.80
CA ALA A 163 10.80 -19.95 14.38
C ALA A 163 10.81 -20.70 15.71
N ASN A 164 9.73 -21.42 15.98
CA ASN A 164 9.57 -22.19 17.20
C ASN A 164 9.55 -21.32 18.44
N LEU A 165 8.83 -20.20 18.36
CA LEU A 165 8.70 -19.27 19.48
C LEU A 165 7.23 -19.23 19.91
N PRO A 166 6.97 -19.09 21.22
CA PRO A 166 5.60 -19.04 21.72
C PRO A 166 4.91 -17.71 21.43
N PHE A 167 3.60 -17.76 21.22
CA PHE A 167 2.83 -16.55 20.98
C PHE A 167 2.31 -16.02 22.31
N ASN A 168 2.89 -14.93 22.80
CA ASN A 168 2.45 -14.35 24.06
C ASN A 168 1.77 -12.99 23.90
N GLU A 169 0.48 -12.94 24.24
CA GLU A 169 -0.33 -11.71 24.16
C GLU A 169 0.34 -10.48 24.74
N GLN A 170 1.17 -10.67 25.76
CA GLN A 170 1.82 -9.55 26.41
C GLN A 170 2.69 -8.74 25.46
N PHE A 171 3.13 -9.37 24.38
CA PHE A 171 3.96 -8.73 23.38
C PHE A 171 3.16 -8.14 22.22
N VAL A 172 1.86 -7.96 22.46
CA VAL A 172 1.00 -7.35 21.46
C VAL A 172 0.30 -6.19 22.16
N ALA A 173 0.50 -4.99 21.62
CA ALA A 173 -0.12 -3.79 22.16
C ALA A 173 -1.11 -3.31 21.12
N GLU A 174 -2.24 -2.77 21.54
CA GLU A 174 -3.23 -2.30 20.59
C GLU A 174 -3.22 -0.79 20.47
N GLY A 175 -2.89 -0.29 19.28
CA GLY A 175 -2.87 1.15 19.07
C GLY A 175 -4.07 1.51 18.23
N ASP A 176 -4.21 2.79 17.90
CA ASP A 176 -5.33 3.24 17.08
C ASP A 176 -4.84 4.04 15.88
N TYR A 177 -3.61 3.76 15.43
CA TYR A 177 -2.99 4.45 14.30
C TYR A 177 -2.47 5.83 14.68
N THR A 178 -2.91 6.29 15.84
CA THR A 178 -2.50 7.60 16.32
C THR A 178 -1.06 7.60 16.85
N TYR A 179 -0.40 8.74 16.73
CA TYR A 179 0.98 8.91 17.19
C TYR A 179 1.05 8.72 18.70
N ASP A 180 0.00 9.15 19.39
CA ASP A 180 -0.08 9.03 20.83
C ASP A 180 -0.18 7.57 21.26
N SER A 181 -0.98 6.78 20.56
CA SER A 181 -1.14 5.37 20.88
C SER A 181 0.22 4.66 20.81
N GLY A 182 1.05 5.09 19.87
CA GLY A 182 2.38 4.51 19.74
C GLY A 182 3.23 4.89 20.95
N LEU A 183 3.07 6.12 21.42
CA LEU A 183 3.79 6.61 22.59
C LEU A 183 3.43 5.71 23.78
N GLU A 184 2.13 5.55 24.00
CA GLU A 184 1.62 4.74 25.09
C GLU A 184 1.90 3.26 24.86
N ALA A 185 1.85 2.83 23.60
CA ALA A 185 2.11 1.44 23.26
C ALA A 185 3.49 1.07 23.80
N LEU A 186 4.48 1.91 23.52
CA LEU A 186 5.83 1.66 23.98
C LEU A 186 5.90 1.62 25.51
N GLN A 187 5.38 2.65 26.15
CA GLN A 187 5.41 2.69 27.61
C GLN A 187 4.72 1.47 28.21
N HIS A 188 3.71 0.97 27.51
CA HIS A 188 3.00 -0.21 27.97
C HIS A 188 3.94 -1.43 27.93
N LEU A 189 4.53 -1.68 26.77
CA LEU A 189 5.44 -2.80 26.55
C LEU A 189 6.69 -2.80 27.44
N MET A 190 7.21 -1.62 27.74
CA MET A 190 8.39 -1.54 28.59
C MET A 190 8.03 -1.71 30.08
N SER A 191 6.73 -1.84 30.36
CA SER A 191 6.25 -2.03 31.72
C SER A 191 6.17 -3.52 32.08
N LEU A 192 6.32 -4.36 31.07
CA LEU A 192 6.28 -5.81 31.28
C LEU A 192 7.49 -6.27 32.09
N ASP A 193 7.34 -7.39 32.79
CA ASP A 193 8.45 -7.91 33.58
C ASP A 193 9.56 -8.29 32.61
N LYS A 194 9.16 -8.88 31.47
CA LYS A 194 10.11 -9.26 30.44
C LYS A 194 9.79 -8.42 29.20
N LYS A 195 10.61 -7.40 28.95
CA LYS A 195 10.40 -6.51 27.81
C LYS A 195 10.87 -7.16 26.52
N PRO A 196 10.33 -6.70 25.38
CA PRO A 196 10.73 -7.25 24.09
C PRO A 196 12.04 -6.61 23.73
N THR A 197 12.75 -7.18 22.76
CA THR A 197 14.02 -6.60 22.34
C THR A 197 13.83 -5.96 20.97
N ALA A 198 12.68 -6.22 20.37
CA ALA A 198 12.33 -5.67 19.06
C ALA A 198 10.83 -5.37 18.98
N ILE A 199 10.48 -4.30 18.27
CA ILE A 199 9.08 -3.94 18.13
C ILE A 199 8.72 -3.62 16.68
N LEU A 200 7.66 -4.29 16.21
CA LEU A 200 7.14 -4.09 14.87
C LEU A 200 5.78 -3.39 15.02
N SER A 201 5.63 -2.25 14.36
CA SER A 201 4.40 -1.47 14.42
C SER A 201 3.60 -1.65 13.13
N ALA A 202 2.29 -1.77 13.26
CA ALA A 202 1.43 -1.95 12.09
C ALA A 202 1.39 -0.68 11.25
N THR A 203 1.98 0.39 11.78
CA THR A 203 1.97 1.68 11.09
C THR A 203 3.20 2.54 11.37
N ASP A 204 3.52 3.44 10.45
CA ASP A 204 4.67 4.33 10.60
C ASP A 204 4.43 5.43 11.63
N GLU A 205 3.21 5.96 11.67
CA GLU A 205 2.91 7.00 12.64
C GLU A 205 2.98 6.46 14.07
N MET A 206 2.57 5.20 14.25
CA MET A 206 2.65 4.62 15.59
C MET A 206 4.10 4.32 15.90
N ALA A 207 4.85 3.93 14.86
CA ALA A 207 6.27 3.64 15.01
C ALA A 207 7.02 4.91 15.41
N LEU A 208 6.54 6.08 14.98
CA LEU A 208 7.20 7.32 15.36
C LEU A 208 7.01 7.52 16.86
N GLY A 209 5.79 7.32 17.33
CA GLY A 209 5.52 7.46 18.76
C GLY A 209 6.35 6.50 19.61
N ILE A 210 6.52 5.28 19.12
CA ILE A 210 7.29 4.27 19.84
C ILE A 210 8.74 4.74 20.01
N ILE A 211 9.34 5.19 18.92
CA ILE A 211 10.71 5.67 18.94
C ILE A 211 10.92 6.83 19.93
N HIS A 212 10.05 7.85 19.86
CA HIS A 212 10.18 9.00 20.73
C HIS A 212 9.89 8.67 22.19
N ALA A 213 8.92 7.79 22.44
CA ALA A 213 8.59 7.39 23.80
C ALA A 213 9.78 6.61 24.37
N ALA A 214 10.42 5.81 23.50
CA ALA A 214 11.57 5.01 23.91
C ALA A 214 12.71 5.94 24.28
N GLN A 215 12.84 7.02 23.53
CA GLN A 215 13.89 8.01 23.76
C GLN A 215 13.56 8.89 24.95
N ASP A 216 12.27 9.11 25.20
CA ASP A 216 11.85 9.93 26.34
C ASP A 216 12.19 9.19 27.64
N GLN A 217 12.22 7.86 27.57
CA GLN A 217 12.55 7.03 28.73
C GLN A 217 14.04 6.74 28.84
N GLY A 218 14.83 7.35 27.95
CA GLY A 218 16.28 7.15 27.99
C GLY A 218 16.86 6.00 27.20
N LEU A 219 16.05 5.34 26.38
CA LEU A 219 16.55 4.23 25.57
C LEU A 219 17.12 4.78 24.27
N SER A 220 18.00 4.02 23.64
CA SER A 220 18.60 4.44 22.39
C SER A 220 18.18 3.50 21.28
N ILE A 221 17.70 4.07 20.18
CA ILE A 221 17.28 3.30 19.02
C ILE A 221 18.40 3.54 18.00
N PRO A 222 18.89 2.47 17.35
CA PRO A 222 18.54 1.05 17.45
C PRO A 222 19.21 0.26 18.58
N GLU A 223 20.18 0.89 19.24
CA GLU A 223 20.93 0.26 20.34
C GLU A 223 20.12 -0.67 21.24
N ASP A 224 19.30 -0.08 22.08
CA ASP A 224 18.50 -0.81 23.04
C ASP A 224 17.27 -1.51 22.46
N LEU A 225 16.80 -1.09 21.30
CA LEU A 225 15.59 -1.67 20.76
C LEU A 225 15.49 -1.57 19.24
N ASP A 226 15.20 -2.69 18.58
CA ASP A 226 15.03 -2.65 17.13
C ASP A 226 13.58 -2.28 16.82
N ILE A 227 13.39 -1.30 15.95
CA ILE A 227 12.05 -0.87 15.60
C ILE A 227 11.82 -0.85 14.10
N ILE A 228 10.73 -1.49 13.66
CA ILE A 228 10.36 -1.53 12.25
C ILE A 228 8.91 -1.06 12.08
N GLY A 229 8.71 -0.10 11.19
CA GLY A 229 7.38 0.42 10.95
C GLY A 229 6.67 -0.34 9.84
N PHE A 230 5.57 0.22 9.34
CA PHE A 230 4.82 -0.40 8.26
C PHE A 230 4.11 0.67 7.41
N ASP A 231 4.38 0.64 6.10
CA ASP A 231 3.82 1.53 5.05
C ASP A 231 4.87 2.27 4.23
N ASN A 232 5.85 2.85 4.91
CA ASN A 232 6.91 3.62 4.28
C ASN A 232 6.38 4.95 3.74
N THR A 233 5.67 5.68 4.59
CA THR A 233 5.15 6.99 4.21
C THR A 233 6.31 7.95 4.44
N ARG A 234 6.19 9.18 3.96
CA ARG A 234 7.25 10.16 4.14
C ARG A 234 7.68 10.22 5.61
N LEU A 235 6.76 9.90 6.51
CA LEU A 235 7.06 9.94 7.94
C LEU A 235 8.25 9.10 8.31
N SER A 236 8.53 8.07 7.51
CA SER A 236 9.66 7.18 7.73
C SER A 236 11.01 7.89 7.69
N LEU A 237 11.09 8.92 6.87
CA LEU A 237 12.30 9.71 6.69
C LEU A 237 12.39 10.89 7.64
N MET A 238 11.25 11.31 8.17
CA MET A 238 11.18 12.46 9.06
C MET A 238 11.37 12.13 10.54
N VAL A 239 12.18 11.10 10.80
CA VAL A 239 12.47 10.68 12.18
C VAL A 239 13.97 10.44 12.29
N ARG A 240 14.47 10.50 13.51
CA ARG A 240 15.88 10.26 13.77
C ARG A 240 15.92 9.32 14.97
N PRO A 241 16.41 8.09 14.77
CA PRO A 241 16.92 7.52 13.53
C PRO A 241 15.83 7.28 12.48
N GLN A 242 16.21 7.25 11.22
CA GLN A 242 15.23 7.01 10.16
C GLN A 242 14.69 5.59 10.26
N LEU A 243 13.38 5.49 10.14
CA LEU A 243 12.65 4.24 10.28
C LEU A 243 12.78 3.16 9.21
N SER A 244 13.09 1.94 9.65
CA SER A 244 13.16 0.80 8.75
C SER A 244 11.68 0.43 8.66
N THR A 245 11.18 0.18 7.46
CA THR A 245 9.75 -0.11 7.33
C THR A 245 9.41 -1.06 6.19
N VAL A 246 8.21 -1.63 6.28
CA VAL A 246 7.70 -2.51 5.26
C VAL A 246 7.13 -1.53 4.25
N VAL A 247 7.45 -1.72 2.97
CA VAL A 247 6.96 -0.83 1.94
C VAL A 247 5.60 -1.21 1.39
N GLN A 248 4.68 -0.25 1.39
CA GLN A 248 3.36 -0.46 0.81
C GLN A 248 3.21 0.63 -0.26
N PRO A 249 3.13 0.23 -1.54
CA PRO A 249 2.99 1.14 -2.68
C PRO A 249 1.62 1.78 -2.61
N THR A 250 1.41 2.62 -1.60
CA THR A 250 0.13 3.27 -1.36
C THR A 250 -0.47 4.00 -2.56
N TYR A 251 0.30 4.86 -3.19
CA TYR A 251 -0.21 5.56 -4.35
C TYR A 251 -0.64 4.53 -5.40
N ASP A 252 0.22 3.55 -5.65
CA ASP A 252 -0.08 2.51 -6.64
C ASP A 252 -1.40 1.79 -6.38
N ILE A 253 -1.70 1.52 -5.10
CA ILE A 253 -2.93 0.83 -4.74
C ILE A 253 -4.12 1.67 -5.20
N GLY A 254 -4.05 2.98 -4.98
CA GLY A 254 -5.12 3.86 -5.42
C GLY A 254 -5.22 3.84 -6.92
N ALA A 255 -4.07 3.97 -7.59
CA ALA A 255 -4.04 3.98 -9.06
C ALA A 255 -4.58 2.67 -9.64
N VAL A 256 -4.02 1.55 -9.22
CA VAL A 256 -4.45 0.24 -9.70
C VAL A 256 -5.94 -0.03 -9.40
N ALA A 257 -6.43 0.47 -8.26
CA ALA A 257 -7.82 0.29 -7.88
C ALA A 257 -8.76 0.99 -8.87
N MET A 258 -8.46 2.26 -9.14
CA MET A 258 -9.25 3.05 -10.07
C MET A 258 -9.14 2.51 -11.49
N ARG A 259 -7.94 2.06 -11.85
CA ARG A 259 -7.70 1.49 -13.17
C ARG A 259 -8.52 0.21 -13.31
N LEU A 260 -8.47 -0.66 -12.30
CA LEU A 260 -9.25 -1.90 -12.33
C LEU A 260 -10.74 -1.57 -12.42
N LEU A 261 -11.16 -0.51 -11.74
CA LEU A 261 -12.56 -0.10 -11.78
C LEU A 261 -12.95 0.32 -13.19
N THR A 262 -12.11 1.09 -13.87
CA THR A 262 -12.42 1.53 -15.23
C THR A 262 -12.57 0.34 -16.18
N LYS A 263 -11.81 -0.72 -15.93
CA LYS A 263 -11.91 -1.91 -16.77
C LYS A 263 -13.30 -2.52 -16.57
N LEU A 264 -13.71 -2.59 -15.30
CA LEU A 264 -15.03 -3.13 -14.97
C LEU A 264 -16.13 -2.27 -15.59
N MET A 265 -16.01 -0.96 -15.50
CA MET A 265 -17.02 -0.06 -16.04
C MET A 265 -17.09 -0.05 -17.57
N ASN A 266 -15.99 -0.44 -18.21
CA ASN A 266 -15.95 -0.48 -19.68
C ASN A 266 -15.98 -1.93 -20.18
N LYS A 267 -16.40 -2.83 -19.31
CA LYS A 267 -16.50 -4.25 -19.61
C LYS A 267 -15.31 -4.88 -20.32
N GLU A 268 -14.09 -4.41 -20.07
CA GLU A 268 -12.94 -5.05 -20.71
C GLU A 268 -12.51 -6.24 -19.88
N PRO A 269 -11.75 -7.18 -20.48
CA PRO A 269 -11.25 -8.39 -19.81
C PRO A 269 -10.52 -8.18 -18.49
N VAL A 270 -10.96 -8.91 -17.47
CA VAL A 270 -10.36 -8.80 -16.14
C VAL A 270 -9.67 -10.08 -15.67
N GLU A 271 -8.35 -10.05 -15.70
CA GLU A 271 -7.53 -11.17 -15.25
C GLU A 271 -7.38 -11.03 -13.74
N GLU A 272 -8.21 -11.75 -12.98
CA GLU A 272 -8.19 -11.70 -11.52
C GLU A 272 -8.73 -10.39 -10.94
N HIS A 273 -9.76 -10.52 -10.12
CA HIS A 273 -10.38 -9.38 -9.48
C HIS A 273 -9.71 -9.04 -8.15
N ILE A 274 -8.97 -9.99 -7.58
CA ILE A 274 -8.27 -9.78 -6.32
C ILE A 274 -6.77 -9.58 -6.62
N VAL A 275 -6.33 -8.33 -6.57
CA VAL A 275 -4.94 -7.96 -6.87
C VAL A 275 -4.10 -7.67 -5.63
N GLU A 276 -2.88 -8.18 -5.63
CA GLU A 276 -1.95 -7.97 -4.53
C GLU A 276 -0.67 -7.39 -5.09
N LEU A 277 -0.46 -6.10 -4.93
CA LEU A 277 0.75 -5.46 -5.43
C LEU A 277 1.92 -5.94 -4.56
N PRO A 278 3.13 -6.01 -5.14
CA PRO A 278 4.29 -6.46 -4.35
C PRO A 278 4.73 -5.53 -3.23
N HIS A 279 5.29 -6.10 -2.18
CA HIS A 279 5.79 -5.34 -1.05
C HIS A 279 7.26 -5.67 -0.85
N ARG A 280 7.91 -4.96 0.06
CA ARG A 280 9.33 -5.19 0.34
C ARG A 280 9.67 -4.46 1.62
N ILE A 281 10.90 -4.59 2.09
CA ILE A 281 11.31 -3.93 3.30
C ILE A 281 12.46 -2.97 3.05
N GLU A 282 12.31 -1.74 3.55
CA GLU A 282 13.31 -0.72 3.42
C GLU A 282 13.95 -0.59 4.80
N LEU A 283 15.20 -1.03 4.92
CA LEU A 283 15.93 -0.96 6.18
C LEU A 283 16.68 0.35 6.27
N ARG A 284 16.46 1.08 7.35
CA ARG A 284 17.13 2.34 7.54
C ARG A 284 17.96 2.28 8.82
N LYS A 285 17.80 3.27 9.69
CA LYS A 285 18.59 3.31 10.92
C LYS A 285 17.89 2.93 12.24
N SER A 286 16.63 2.53 12.18
CA SER A 286 15.94 2.17 13.42
C SER A 286 16.14 0.69 13.76
N THR A 287 16.94 0.00 12.95
CA THR A 287 17.28 -1.40 13.16
C THR A 287 18.80 -1.58 13.02
N LYS A 288 19.38 -2.39 13.91
CA LYS A 288 20.83 -2.63 13.90
C LYS A 288 21.31 -3.30 12.62
N ALA B 2 12.83 -0.56 -32.01
CA ALA B 2 13.03 0.40 -30.88
C ALA B 2 13.25 -0.36 -29.58
N GLN B 3 14.22 0.09 -28.78
CA GLN B 3 14.53 -0.58 -27.52
C GLN B 3 15.70 0.07 -26.79
N LYS B 4 15.68 -0.01 -25.46
CA LYS B 4 16.75 0.55 -24.64
C LYS B 4 16.61 0.14 -23.18
N THR B 5 17.74 -0.17 -22.56
CA THR B 5 17.77 -0.57 -21.17
C THR B 5 18.24 0.55 -20.26
N PHE B 6 17.64 0.64 -19.08
CA PHE B 6 18.00 1.67 -18.10
C PHE B 6 18.15 0.99 -16.75
N LYS B 7 18.67 1.75 -15.78
CA LYS B 7 18.82 1.27 -14.42
C LYS B 7 18.15 2.34 -13.57
N VAL B 8 17.09 1.95 -12.88
CA VAL B 8 16.35 2.89 -12.06
C VAL B 8 17.19 3.51 -10.96
N THR B 9 17.19 4.83 -10.94
CA THR B 9 17.94 5.59 -9.96
C THR B 9 17.07 6.11 -8.83
N ALA B 10 15.85 6.55 -9.15
CA ALA B 10 14.93 7.08 -8.16
C ALA B 10 14.82 6.13 -6.97
N ASP B 11 14.82 6.69 -5.77
CA ASP B 11 14.73 5.88 -4.55
C ASP B 11 13.41 5.12 -4.49
N SER B 12 12.35 5.76 -4.98
CA SER B 12 11.03 5.15 -4.98
C SER B 12 10.81 4.22 -6.17
N GLY B 13 11.87 3.96 -6.94
CA GLY B 13 11.76 3.09 -8.09
C GLY B 13 10.71 3.53 -9.11
N ILE B 14 10.10 2.56 -9.78
CA ILE B 14 9.08 2.86 -10.77
C ILE B 14 7.71 2.73 -10.10
N HIS B 15 7.31 3.79 -9.42
CA HIS B 15 6.05 3.80 -8.70
C HIS B 15 5.42 5.19 -8.66
N ALA B 16 4.23 5.27 -8.09
CA ALA B 16 3.50 6.52 -7.94
C ALA B 16 3.36 7.42 -9.16
N ARG B 17 3.28 8.73 -8.92
CA ARG B 17 3.11 9.71 -9.99
C ARG B 17 4.10 9.51 -11.14
N PRO B 18 5.40 9.39 -10.83
CA PRO B 18 6.40 9.19 -11.89
C PRO B 18 6.08 7.99 -12.76
N ALA B 19 5.48 6.96 -12.16
CA ALA B 19 5.10 5.76 -12.89
C ALA B 19 3.92 6.04 -13.79
N THR B 20 2.97 6.83 -13.29
CA THR B 20 1.80 7.20 -14.06
C THR B 20 2.21 8.05 -15.28
N VAL B 21 3.11 9.00 -15.04
CA VAL B 21 3.61 9.88 -16.11
C VAL B 21 4.21 9.08 -17.26
N LEU B 22 5.10 8.14 -16.93
CA LEU B 22 5.75 7.30 -17.91
C LEU B 22 4.73 6.49 -18.71
N VAL B 23 3.71 5.99 -18.02
CA VAL B 23 2.65 5.20 -18.65
C VAL B 23 1.84 6.09 -19.58
N GLN B 24 1.59 7.32 -19.14
CA GLN B 24 0.82 8.25 -19.96
C GLN B 24 1.62 8.67 -21.19
N THR B 25 2.95 8.61 -21.08
CA THR B 25 3.81 8.97 -22.21
C THR B 25 3.73 7.85 -23.25
N ALA B 26 3.88 6.62 -22.79
CA ALA B 26 3.82 5.47 -23.67
C ALA B 26 2.48 5.37 -24.40
N SER B 27 1.42 5.85 -23.74
CA SER B 27 0.09 5.80 -24.32
C SER B 27 -0.14 6.77 -25.47
N LYS B 28 0.74 7.75 -25.61
CA LYS B 28 0.62 8.76 -26.67
C LYS B 28 1.13 8.22 -28.01
N TYR B 29 1.22 6.91 -28.14
CA TYR B 29 1.71 6.31 -29.37
C TYR B 29 0.96 5.03 -29.74
N ASP B 30 0.88 4.74 -31.04
CA ASP B 30 0.19 3.57 -31.55
C ASP B 30 1.03 2.30 -31.40
N ALA B 31 2.36 2.47 -31.43
CA ALA B 31 3.26 1.34 -31.32
C ALA B 31 3.08 0.60 -30.01
N ASP B 32 3.31 -0.70 -30.05
CA ASP B 32 3.21 -1.49 -28.84
C ASP B 32 4.42 -1.10 -28.02
N VAL B 33 4.18 -0.65 -26.79
CA VAL B 33 5.27 -0.26 -25.92
C VAL B 33 5.25 -1.23 -24.76
N ASN B 34 6.34 -1.96 -24.58
CA ASN B 34 6.42 -2.94 -23.51
C ASN B 34 7.48 -2.52 -22.49
N LEU B 35 7.46 -3.18 -21.34
CA LEU B 35 8.42 -2.94 -20.27
C LEU B 35 8.84 -4.29 -19.72
N GLU B 36 10.08 -4.66 -20.00
CA GLU B 36 10.61 -5.95 -19.56
C GLU B 36 11.38 -5.78 -18.25
N TYR B 37 11.12 -6.69 -17.31
CA TYR B 37 11.79 -6.66 -16.01
C TYR B 37 11.78 -8.03 -15.36
N ASN B 38 12.96 -8.51 -14.99
CA ASN B 38 13.08 -9.81 -14.33
C ASN B 38 12.43 -10.92 -15.16
N GLY B 39 12.52 -10.80 -16.48
CA GLY B 39 11.93 -11.82 -17.35
C GLY B 39 10.43 -11.71 -17.54
N LYS B 40 9.83 -10.67 -16.96
CA LYS B 40 8.39 -10.48 -17.11
C LYS B 40 8.19 -9.23 -17.95
N THR B 41 7.37 -9.34 -19.00
CA THR B 41 7.10 -8.22 -19.90
C THR B 41 5.65 -7.75 -19.78
N VAL B 42 5.46 -6.44 -19.67
CA VAL B 42 4.12 -5.87 -19.56
C VAL B 42 3.92 -4.68 -20.49
N ASN B 43 2.65 -4.35 -20.74
CA ASN B 43 2.30 -3.23 -21.59
C ASN B 43 2.62 -1.94 -20.84
N LEU B 44 3.58 -1.16 -21.36
CA LEU B 44 3.98 0.09 -20.72
C LEU B 44 2.84 1.12 -20.71
N LYS B 45 1.72 0.75 -21.32
CA LYS B 45 0.56 1.64 -21.37
C LYS B 45 -0.48 1.16 -20.37
N SEP B 46 -0.11 0.12 -19.63
CA SEP B 46 -0.98 -0.49 -18.63
CB SEP B 46 -1.06 -2.01 -18.83
OG SEP B 46 -1.80 -2.61 -17.79
C SEP B 46 -0.56 -0.24 -17.20
O SEP B 46 0.41 -0.81 -16.71
P SEP B 46 -3.39 -2.48 -17.74
O1P SEP B 46 -3.93 -2.19 -19.21
O2P SEP B 46 -3.99 -3.85 -17.19
O3P SEP B 46 -3.83 -1.28 -16.76
N ILE B 47 -1.31 0.62 -16.52
CA ILE B 47 -1.06 0.96 -15.13
C ILE B 47 -0.96 -0.29 -14.25
N MET B 48 -1.88 -1.24 -14.44
CA MET B 48 -1.88 -2.46 -13.67
C MET B 48 -0.64 -3.32 -13.95
N GLY B 49 -0.28 -3.46 -15.22
CA GLY B 49 0.88 -4.26 -15.54
C GLY B 49 2.16 -3.66 -14.98
N VAL B 50 2.40 -2.39 -15.26
CA VAL B 50 3.61 -1.72 -14.78
C VAL B 50 3.77 -1.72 -13.26
N MET B 51 2.78 -1.22 -12.54
CA MET B 51 2.88 -1.16 -11.08
C MET B 51 2.87 -2.52 -10.42
N SER B 52 2.39 -3.53 -11.14
CA SER B 52 2.36 -4.87 -10.59
C SER B 52 3.76 -5.48 -10.52
N LEU B 53 4.69 -4.98 -11.33
CA LEU B 53 6.05 -5.50 -11.33
C LEU B 53 6.78 -5.13 -10.05
N GLY B 54 6.36 -4.05 -9.40
CA GLY B 54 7.01 -3.62 -8.17
C GLY B 54 8.50 -3.38 -8.35
N ILE B 55 8.83 -2.50 -9.30
CA ILE B 55 10.22 -2.16 -9.62
C ILE B 55 10.84 -1.23 -8.58
N ALA B 56 11.85 -1.73 -7.86
CA ALA B 56 12.53 -0.95 -6.84
C ALA B 56 13.76 -0.26 -7.38
N LYS B 57 14.35 0.61 -6.56
CA LYS B 57 15.55 1.34 -6.96
C LYS B 57 16.69 0.34 -7.20
N GLY B 58 17.46 0.57 -8.26
CA GLY B 58 18.58 -0.31 -8.57
C GLY B 58 18.31 -1.35 -9.64
N ALA B 59 17.04 -1.55 -9.97
CA ALA B 59 16.68 -2.53 -10.98
C ALA B 59 17.04 -2.09 -12.39
N GLU B 60 16.99 -3.04 -13.31
CA GLU B 60 17.28 -2.78 -14.70
C GLU B 60 16.08 -3.19 -15.54
N ILE B 61 15.52 -2.22 -16.25
CA ILE B 61 14.36 -2.47 -17.09
C ILE B 61 14.70 -2.21 -18.54
N THR B 62 13.86 -2.74 -19.44
CA THR B 62 14.06 -2.55 -20.87
C THR B 62 12.76 -2.11 -21.52
N ILE B 63 12.80 -0.98 -22.22
CA ILE B 63 11.61 -0.46 -22.89
C ILE B 63 11.60 -0.77 -24.37
N SER B 64 10.62 -1.56 -24.82
CA SER B 64 10.50 -1.93 -26.22
C SER B 64 9.45 -1.06 -26.90
N ALA B 65 9.36 -1.18 -28.22
CA ALA B 65 8.40 -0.40 -29.00
C ALA B 65 8.46 -0.75 -30.49
N SER B 66 7.46 -1.48 -30.98
CA SER B 66 7.40 -1.84 -32.39
C SER B 66 6.13 -1.28 -33.04
N GLY B 67 6.32 -0.50 -34.09
CA GLY B 67 5.20 0.11 -34.78
C GLY B 67 5.70 1.30 -35.56
N ALA B 68 4.80 2.08 -36.13
CA ALA B 68 5.20 3.25 -36.91
C ALA B 68 5.99 4.27 -36.08
N ASP B 69 5.37 4.78 -35.03
CA ASP B 69 6.00 5.76 -34.14
C ASP B 69 6.89 5.18 -33.06
N GLU B 70 7.36 3.95 -33.25
CA GLU B 70 8.22 3.32 -32.26
C GLU B 70 9.42 4.18 -31.90
N ASN B 71 10.04 4.78 -32.91
CA ASN B 71 11.21 5.61 -32.66
C ASN B 71 10.87 6.84 -31.83
N ASP B 72 9.73 7.46 -32.13
CA ASP B 72 9.30 8.64 -31.38
C ASP B 72 8.98 8.23 -29.95
N ALA B 73 8.35 7.05 -29.83
CA ALA B 73 7.98 6.50 -28.53
C ALA B 73 9.20 6.39 -27.64
N LEU B 74 10.17 5.58 -28.05
CA LEU B 74 11.38 5.40 -27.27
C LEU B 74 12.04 6.74 -26.96
N ASN B 75 11.95 7.69 -27.89
CA ASN B 75 12.54 9.01 -27.68
C ASN B 75 11.83 9.78 -26.58
N ALA B 76 10.51 9.72 -26.56
CA ALA B 76 9.72 10.41 -25.56
C ALA B 76 9.92 9.76 -24.20
N LEU B 77 9.91 8.43 -24.18
CA LEU B 77 10.10 7.66 -22.95
C LEU B 77 11.47 7.92 -22.35
N GLU B 78 12.50 7.97 -23.19
CA GLU B 78 13.86 8.23 -22.73
C GLU B 78 13.87 9.58 -22.04
N GLU B 79 13.12 10.53 -22.60
CA GLU B 79 13.02 11.87 -22.04
C GLU B 79 12.32 11.82 -20.69
N THR B 80 11.21 11.10 -20.61
CA THR B 80 10.46 10.97 -19.36
C THR B 80 11.28 10.30 -18.28
N MET B 81 12.10 9.32 -18.64
CA MET B 81 12.92 8.61 -17.68
C MET B 81 13.84 9.54 -16.89
N LYS B 82 14.40 10.54 -17.55
CA LYS B 82 15.28 11.48 -16.86
C LYS B 82 14.46 12.68 -16.42
N SER B 83 13.47 13.04 -17.23
CA SER B 83 12.58 14.16 -16.93
C SER B 83 11.94 13.89 -15.57
N GLU B 84 11.62 12.62 -15.34
CA GLU B 84 10.99 12.20 -14.10
C GLU B 84 12.03 11.60 -13.14
N GLY B 85 13.30 11.74 -13.49
CA GLY B 85 14.38 11.23 -12.66
C GLY B 85 14.19 9.81 -12.18
N LEU B 86 13.79 8.93 -13.09
CA LEU B 86 13.57 7.53 -12.74
C LEU B 86 14.79 6.64 -12.97
N GLY B 87 15.52 6.88 -14.05
CA GLY B 87 16.69 6.07 -14.31
C GLY B 87 17.42 6.52 -15.55
N GLU B 88 18.56 5.90 -15.80
CA GLU B 88 19.38 6.25 -16.97
C GLU B 88 20.14 5.04 -17.52
S SO4 C . -4.18 1.40 6.95
O1 SO4 C . -3.01 2.28 6.75
O2 SO4 C . -4.29 0.47 5.82
O3 SO4 C . -4.00 0.64 8.21
O4 SO4 C . -5.41 2.21 7.05
S SO4 D . 1.17 5.42 8.21
O1 SO4 D . 0.42 5.31 6.94
O2 SO4 D . 2.04 4.24 8.37
O3 SO4 D . 1.99 6.63 8.20
O4 SO4 D . 0.20 5.49 9.33
S SO4 E . -2.06 -0.85 -27.19
O1 SO4 E . -0.64 -1.01 -27.57
O2 SO4 E . -2.59 0.40 -27.77
O3 SO4 E . -2.81 -2.01 -27.73
O4 SO4 E . -2.20 -0.83 -25.73
#